data_4N4X
#
_entry.id   4N4X
#
_cell.length_a   119.087
_cell.length_b   119.087
_cell.length_c   98.541
_cell.angle_alpha   90.00
_cell.angle_beta   90.00
_cell.angle_gamma   120.00
#
_symmetry.space_group_name_H-M   'P 32 2 1'
#
loop_
_entity.id
_entity.type
_entity.pdbx_description
1 polymer 'Maltose-binding periplasmic/Palate lung and nasal epithelium clone fusion protein'
2 non-polymer DI(HYDROXYETHYL)ETHER
3 non-polymer 'MAGNESIUM ION'
4 water water
#
_entity_poly.entity_id   1
_entity_poly.type   'polypeptide(L)'
_entity_poly.pdbx_seq_one_letter_code
;KIEEGKLVIWINGDKGYNGLAEVGKKFEKDTGIKVTVEHPDKLEEKFPQVAATGDGPDIIFWAHDRFGGYAQSGLLAEIT
PDKAFQDKLYPFTWDAVRYNGKLIAYPIAVEALSLIYNKDLLPNPPKTWEEIPALDKELKAKGKSALMFNLQEPYFTWPL
IAADGGYAFKYENGKYDIKDVGVDNAGAKAGLTFLVDLIKNKHMNADTDYSIAEAAFNKGETAMTINGPWAWSNIDTSKV
NYGVTVLPTFKGQPSKPFVGVLSAGINAASPNKELAKEFLENYLLTDEGLEAVNKDKPLGAVALKSYEEELAKDPRIAAT
MENAQKGEIMPNIPQMSAFWYAVRTAVINAASGRQTVDEALAAAQTNAAASPTGLAGSLTNALSNGLLSGGLLGILENLP
LLDILKPGGGTSGGLLGGLLGKVTSVIPGLNNIIDIKVTDPQLLELGLVQSPDGHRLYVTIPLGIKLQVNTPLVGASLLR
LAVKLDITAEILAVRDKQERIHLVLGDCTHSPGSLQISLLDGLGPLPIQGLLDSLTGILNKVLPELVQGNVCPLVNEVLR
GLDITLVHDIVNMLIHGLQFVIKV
;
_entity_poly.pdbx_strand_id   A
#
# COMPACT_ATOMS: atom_id res chain seq x y z
N LYS A 1 -28.17 1.24 19.80
CA LYS A 1 -27.49 0.41 20.77
C LYS A 1 -26.16 1.00 21.27
N ILE A 2 -25.56 1.92 20.49
CA ILE A 2 -24.39 2.66 21.00
C ILE A 2 -24.89 3.77 21.92
N GLU A 3 -24.41 3.76 23.16
CA GLU A 3 -24.93 4.67 24.16
C GLU A 3 -24.24 6.04 24.11
N GLU A 4 -25.03 7.11 24.05
CA GLU A 4 -24.50 8.45 24.12
C GLU A 4 -24.11 8.80 25.57
N GLY A 5 -22.90 9.32 25.76
CA GLY A 5 -22.47 9.78 27.08
C GLY A 5 -21.45 8.90 27.77
N LYS A 6 -21.03 7.83 27.10
CA LYS A 6 -19.93 7.02 27.58
C LYS A 6 -19.08 6.60 26.39
N LEU A 7 -17.98 5.90 26.65
CA LEU A 7 -17.13 5.42 25.56
C LEU A 7 -16.88 3.93 25.69
N VAL A 8 -17.14 3.21 24.62
CA VAL A 8 -16.75 1.81 24.54
C VAL A 8 -15.59 1.68 23.57
N ILE A 9 -14.55 0.98 24.01
CA ILE A 9 -13.34 0.79 23.23
C ILE A 9 -12.98 -0.69 23.01
N TRP A 10 -12.66 -1.05 21.77
CA TRP A 10 -12.22 -2.40 21.47
C TRP A 10 -10.77 -2.39 21.07
N ILE A 11 -10.01 -3.31 21.63
CA ILE A 11 -8.60 -3.43 21.35
C ILE A 11 -8.24 -4.89 21.49
N ASN A 12 -7.21 -5.34 20.79
CA ASN A 12 -6.89 -6.76 20.77
C ASN A 12 -6.26 -7.25 22.09
N GLY A 13 -6.56 -8.51 22.43
CA GLY A 13 -6.14 -9.07 23.71
C GLY A 13 -4.65 -9.13 23.94
N ASP A 14 -3.86 -9.11 22.88
CA ASP A 14 -2.41 -9.13 23.03
C ASP A 14 -1.81 -7.74 23.30
N LYS A 15 -2.68 -6.72 23.31
CA LYS A 15 -2.31 -5.37 23.75
C LYS A 15 -2.62 -5.15 25.25
N GLY A 16 -2.25 -3.94 25.69
CA GLY A 16 -2.17 -3.53 27.08
C GLY A 16 -3.51 -3.06 27.60
N TYR A 17 -4.61 -3.72 27.22
CA TYR A 17 -5.96 -3.23 27.60
C TYR A 17 -6.22 -2.88 29.08
N ASN A 18 -5.53 -3.52 30.02
CA ASN A 18 -5.72 -3.11 31.41
C ASN A 18 -5.21 -1.69 31.67
N GLY A 19 -3.99 -1.41 31.17
CA GLY A 19 -3.40 -0.09 31.23
C GLY A 19 -4.33 0.93 30.58
N LEU A 20 -4.84 0.56 29.42
CA LEU A 20 -5.77 1.42 28.71
C LEU A 20 -6.98 1.69 29.58
N ALA A 21 -7.41 0.67 30.32
CA ALA A 21 -8.50 0.85 31.26
C ALA A 21 -8.13 1.90 32.32
N GLU A 22 -6.87 1.92 32.74
CA GLU A 22 -6.45 2.92 33.73
C GLU A 22 -6.52 4.35 33.16
N VAL A 23 -6.18 4.47 31.88
CA VAL A 23 -6.39 5.71 31.15
C VAL A 23 -7.87 6.11 31.18
N GLY A 24 -8.76 5.16 30.87
CA GLY A 24 -10.19 5.39 30.96
C GLY A 24 -10.64 5.82 32.36
N LYS A 25 -9.96 5.30 33.37
CA LYS A 25 -10.28 5.65 34.75
C LYS A 25 -9.96 7.13 34.98
N LYS A 26 -8.73 7.54 34.70
CA LYS A 26 -8.39 8.95 34.85
C LYS A 26 -9.37 9.85 34.08
N PHE A 27 -9.79 9.37 32.91
CA PHE A 27 -10.77 10.10 32.10
C PHE A 27 -12.12 10.29 32.79
N GLU A 28 -12.62 9.22 33.41
CA GLU A 28 -13.88 9.27 34.13
C GLU A 28 -13.74 10.19 35.33
N LYS A 29 -12.61 10.09 36.02
CA LYS A 29 -12.33 10.97 37.15
C LYS A 29 -12.44 12.45 36.75
N ASP A 30 -11.76 12.84 35.66
CA ASP A 30 -11.81 14.25 35.26
C ASP A 30 -13.14 14.67 34.68
N THR A 31 -13.67 13.89 33.74
CA THR A 31 -14.90 14.27 33.05
C THR A 31 -16.18 13.66 33.62
N GLY A 32 -16.04 12.68 34.50
CA GLY A 32 -17.18 11.88 34.95
C GLY A 32 -17.67 10.85 33.93
N ILE A 33 -17.19 10.94 32.69
CA ILE A 33 -17.57 10.03 31.61
C ILE A 33 -16.95 8.63 31.74
N LYS A 34 -17.78 7.61 31.68
CA LYS A 34 -17.30 6.25 31.87
C LYS A 34 -16.70 5.67 30.60
N VAL A 35 -15.62 4.91 30.77
CA VAL A 35 -14.95 4.25 29.66
C VAL A 35 -14.87 2.75 29.90
N THR A 36 -15.34 2.00 28.92
CA THR A 36 -15.32 0.55 28.97
C THR A 36 -14.36 0.02 27.93
N VAL A 37 -13.38 -0.76 28.36
CA VAL A 37 -12.45 -1.42 27.45
C VAL A 37 -12.73 -2.92 27.30
N GLU A 38 -13.09 -3.35 26.09
CA GLU A 38 -13.28 -4.77 25.77
C GLU A 38 -12.23 -5.26 24.77
N HIS A 39 -11.91 -6.55 24.84
CA HIS A 39 -11.10 -7.21 23.83
C HIS A 39 -11.80 -8.45 23.25
N PRO A 40 -12.87 -8.21 22.47
CA PRO A 40 -13.59 -9.29 21.79
C PRO A 40 -12.63 -10.04 20.85
N ASP A 41 -12.83 -11.35 20.78
CA ASP A 41 -12.09 -12.18 19.85
C ASP A 41 -12.53 -11.90 18.41
N LYS A 42 -11.56 -11.87 17.49
CA LYS A 42 -11.83 -11.54 16.08
C LYS A 42 -12.46 -10.16 15.95
N LEU A 43 -12.03 -9.22 16.80
CA LEU A 43 -12.61 -7.87 16.74
C LEU A 43 -12.45 -7.30 15.33
N GLU A 44 -11.36 -7.65 14.63
CA GLU A 44 -11.15 -7.11 13.29
C GLU A 44 -12.22 -7.55 12.27
N GLU A 45 -12.78 -8.74 12.42
CA GLU A 45 -13.96 -9.09 11.61
C GLU A 45 -15.28 -8.68 12.29
N LYS A 46 -15.23 -8.47 13.60
CA LYS A 46 -16.45 -8.13 14.32
C LYS A 46 -16.90 -6.67 14.09
N PHE A 47 -15.93 -5.77 14.13
CA PHE A 47 -16.19 -4.35 13.92
C PHE A 47 -16.90 -4.07 12.60
N PRO A 48 -16.39 -4.64 11.48
CA PRO A 48 -17.10 -4.32 10.23
C PRO A 48 -18.50 -4.90 10.23
N GLN A 49 -18.67 -6.05 10.88
CA GLN A 49 -19.99 -6.70 10.94
C GLN A 49 -21.01 -5.88 11.77
N VAL A 50 -20.66 -5.56 13.02
CA VAL A 50 -21.56 -4.77 13.87
C VAL A 50 -21.64 -3.29 13.46
N ALA A 51 -20.50 -2.69 13.13
CA ALA A 51 -20.48 -1.27 12.75
C ALA A 51 -21.33 -0.99 11.52
N ALA A 52 -21.41 -1.96 10.61
CA ALA A 52 -22.23 -1.81 9.40
C ALA A 52 -23.73 -1.69 9.73
N THR A 53 -24.16 -2.29 10.84
CA THR A 53 -25.54 -2.14 11.30
C THR A 53 -25.73 -0.88 12.17
N GLY A 54 -24.67 -0.10 12.34
CA GLY A 54 -24.73 1.09 13.18
C GLY A 54 -24.54 0.82 14.66
N ASP A 55 -23.82 -0.26 14.96
CA ASP A 55 -23.53 -0.64 16.34
C ASP A 55 -22.03 -0.75 16.51
N GLY A 56 -21.58 -1.29 17.64
CA GLY A 56 -20.15 -1.53 17.85
C GLY A 56 -19.56 -0.54 18.83
N PRO A 57 -18.21 -0.54 18.96
CA PRO A 57 -17.50 0.33 19.90
C PRO A 57 -17.42 1.77 19.34
N ASP A 58 -17.13 2.74 20.20
CA ASP A 58 -16.97 4.13 19.79
C ASP A 58 -15.62 4.28 19.13
N ILE A 59 -14.68 3.49 19.62
CA ILE A 59 -13.30 3.53 19.15
C ILE A 59 -12.81 2.10 18.97
N ILE A 60 -12.19 1.85 17.83
CA ILE A 60 -11.66 0.54 17.52
C ILE A 60 -10.13 0.72 17.42
N PHE A 61 -9.33 -0.15 18.05
CA PHE A 61 -7.85 -0.14 17.86
C PHE A 61 -7.47 -1.32 16.99
N TRP A 62 -6.59 -1.08 16.03
CA TRP A 62 -6.13 -2.15 15.16
C TRP A 62 -5.02 -1.65 14.26
N ALA A 63 -4.30 -2.57 13.63
CA ALA A 63 -3.27 -2.22 12.67
C ALA A 63 -3.91 -1.35 11.60
N HIS A 64 -3.19 -0.33 11.18
CA HIS A 64 -3.69 0.64 10.21
C HIS A 64 -4.12 0.01 8.89
N ASP A 65 -3.54 -1.11 8.50
CA ASP A 65 -3.87 -1.69 7.18
C ASP A 65 -5.34 -2.07 6.97
N ARG A 66 -6.10 -2.34 8.02
CA ARG A 66 -7.54 -2.57 7.83
C ARG A 66 -8.31 -1.26 7.66
N PHE A 67 -7.76 -0.18 8.20
CA PHE A 67 -8.56 1.03 8.34
C PHE A 67 -9.01 1.59 6.98
N GLY A 68 -8.16 1.41 5.98
CA GLY A 68 -8.53 1.77 4.61
C GLY A 68 -9.84 1.12 4.19
N GLY A 69 -9.90 -0.19 4.32
CA GLY A 69 -11.14 -0.91 4.08
C GLY A 69 -12.29 -0.29 4.86
N TYR A 70 -12.08 -0.07 6.15
CA TYR A 70 -13.18 0.43 6.96
C TYR A 70 -13.64 1.78 6.45
N ALA A 71 -12.69 2.62 6.00
CA ALA A 71 -13.08 3.93 5.51
C ALA A 71 -13.97 3.81 4.28
N GLN A 72 -13.58 2.94 3.35
CA GLN A 72 -14.31 2.87 2.08
C GLN A 72 -15.75 2.51 2.37
N SER A 73 -15.94 1.70 3.41
CA SER A 73 -17.24 1.13 3.74
C SER A 73 -18.00 2.08 4.65
N GLY A 74 -17.43 3.27 4.82
CA GLY A 74 -18.09 4.32 5.58
C GLY A 74 -18.12 4.11 7.09
N LEU A 75 -17.32 3.16 7.57
CA LEU A 75 -17.35 2.82 8.98
C LEU A 75 -16.58 3.78 9.91
N LEU A 76 -15.72 4.63 9.35
CA LEU A 76 -14.88 5.49 10.19
C LEU A 76 -15.17 6.97 10.02
N ALA A 77 -15.18 7.70 11.13
CA ALA A 77 -15.28 9.16 11.08
C ALA A 77 -13.94 9.78 10.71
N GLU A 78 -13.96 10.91 10.02
CA GLU A 78 -12.73 11.65 9.81
C GLU A 78 -12.35 12.27 11.14
N ILE A 79 -11.08 12.29 11.46
CA ILE A 79 -10.64 12.82 12.74
C ILE A 79 -10.10 14.22 12.52
N THR A 80 -10.20 15.06 13.54
CA THR A 80 -9.95 16.46 13.32
C THR A 80 -8.92 17.05 14.27
N PRO A 81 -7.72 16.43 14.35
CA PRO A 81 -6.76 17.00 15.30
C PRO A 81 -6.14 18.27 14.69
N ASP A 82 -5.84 19.24 15.54
CA ASP A 82 -5.19 20.43 15.06
C ASP A 82 -3.70 20.17 14.76
N LYS A 83 -3.12 21.06 13.97
CA LYS A 83 -1.73 20.92 13.52
C LYS A 83 -0.78 20.82 14.69
N ALA A 84 -1.01 21.60 15.74
CA ALA A 84 -0.20 21.51 16.94
C ALA A 84 -0.21 20.06 17.43
N PHE A 85 -1.38 19.44 17.42
CA PHE A 85 -1.43 18.05 17.85
C PHE A 85 -0.69 17.14 16.87
N GLN A 86 -0.93 17.35 15.58
CA GLN A 86 -0.24 16.57 14.55
C GLN A 86 1.28 16.64 14.68
N ASP A 87 1.83 17.77 15.15
CA ASP A 87 3.30 17.91 15.29
C ASP A 87 3.86 16.99 16.33
N LYS A 88 2.98 16.50 17.20
CA LYS A 88 3.39 15.68 18.33
C LYS A 88 3.77 14.26 17.93
N LEU A 89 3.32 13.84 16.73
CA LEU A 89 3.56 12.48 16.25
C LEU A 89 4.41 12.51 14.98
N TYR A 90 5.16 11.44 14.72
CA TYR A 90 5.94 11.37 13.49
C TYR A 90 5.06 11.44 12.24
N PRO A 91 5.50 12.21 11.25
CA PRO A 91 4.76 12.40 9.99
C PRO A 91 4.39 11.10 9.24
N PHE A 92 5.37 10.20 9.10
CA PHE A 92 5.07 8.98 8.37
C PHE A 92 3.93 8.20 9.05
N THR A 93 3.84 8.27 10.39
CA THR A 93 2.70 7.64 11.04
C THR A 93 1.37 8.26 10.64
N TRP A 94 1.32 9.58 10.45
CA TRP A 94 0.13 10.19 9.89
C TRP A 94 -0.14 9.68 8.48
N ASP A 95 0.90 9.32 7.73
CA ASP A 95 0.65 8.75 6.41
C ASP A 95 -0.01 7.36 6.49
N ALA A 96 0.31 6.58 7.53
CA ALA A 96 -0.35 5.28 7.65
C ALA A 96 -1.88 5.38 7.83
N VAL A 97 -2.34 6.50 8.39
CA VAL A 97 -3.77 6.71 8.68
C VAL A 97 -4.54 7.59 7.68
N ARG A 98 -3.93 7.90 6.55
CA ARG A 98 -4.62 8.64 5.47
C ARG A 98 -5.51 7.76 4.59
N TYR A 99 -6.72 8.22 4.35
CA TYR A 99 -7.51 7.67 3.28
C TYR A 99 -8.12 8.79 2.44
N ASN A 100 -7.74 8.83 1.17
CA ASN A 100 -8.24 9.85 0.26
C ASN A 100 -8.04 11.25 0.80
N GLY A 101 -6.82 11.51 1.26
CA GLY A 101 -6.45 12.83 1.74
C GLY A 101 -6.95 13.17 3.14
N LYS A 102 -7.72 12.28 3.77
CA LYS A 102 -8.28 12.58 5.08
C LYS A 102 -7.67 11.73 6.19
N LEU A 103 -7.60 12.28 7.40
CA LEU A 103 -7.16 11.49 8.54
C LEU A 103 -8.32 10.62 9.05
N ILE A 104 -8.14 9.31 9.00
CA ILE A 104 -9.17 8.36 9.48
C ILE A 104 -8.93 7.64 10.83
N ALA A 105 -7.84 7.98 11.53
CA ALA A 105 -7.53 7.38 12.83
C ALA A 105 -6.30 8.03 13.45
N TYR A 106 -6.12 7.81 14.74
CA TYR A 106 -4.95 8.30 15.44
C TYR A 106 -3.87 7.23 15.54
N PRO A 107 -2.69 7.51 14.95
CA PRO A 107 -1.59 6.55 15.15
C PRO A 107 -1.23 6.38 16.63
N ILE A 108 -0.83 5.17 16.98
CA ILE A 108 -0.47 4.85 18.36
C ILE A 108 0.93 4.24 18.42
N ALA A 109 1.11 3.09 17.77
CA ALA A 109 2.43 2.48 17.88
C ALA A 109 2.93 2.02 16.54
N VAL A 110 4.23 1.74 16.45
CA VAL A 110 4.80 1.33 15.17
C VAL A 110 5.69 0.13 15.35
N GLU A 111 5.63 -0.76 14.38
CA GLU A 111 6.43 -1.96 14.44
C GLU A 111 6.92 -2.37 13.07
N ALA A 112 8.10 -2.98 13.08
CA ALA A 112 8.75 -3.50 11.90
C ALA A 112 9.69 -4.63 12.33
N LEU A 113 10.03 -5.50 11.39
CA LEU A 113 11.08 -6.49 11.60
C LEU A 113 12.44 -5.83 11.91
N SER A 114 13.30 -6.55 12.62
CA SER A 114 14.66 -6.12 12.87
C SER A 114 15.57 -7.32 12.75
N LEU A 115 16.86 -7.07 12.74
CA LEU A 115 17.80 -8.18 12.73
C LEU A 115 18.05 -8.52 14.20
N ILE A 116 17.79 -9.77 14.56
CA ILE A 116 18.02 -10.20 15.93
C ILE A 116 19.20 -11.16 15.93
N TYR A 117 20.19 -10.86 16.76
CA TYR A 117 21.42 -11.64 16.77
C TYR A 117 21.87 -12.07 18.17
N ASN A 118 22.56 -13.21 18.21
CA ASN A 118 23.08 -13.80 19.43
C ASN A 118 24.47 -13.25 19.71
N LYS A 119 24.64 -12.54 20.83
CA LYS A 119 25.88 -11.82 21.07
C LYS A 119 27.06 -12.74 21.40
N ASP A 120 26.76 -13.92 21.93
CA ASP A 120 27.80 -14.88 22.24
C ASP A 120 28.35 -15.59 20.99
N LEU A 121 27.47 -15.85 20.02
CA LEU A 121 27.89 -16.39 18.72
C LEU A 121 28.44 -15.33 17.77
N LEU A 122 27.85 -14.14 17.83
CA LEU A 122 28.08 -13.11 16.82
C LEU A 122 28.05 -11.73 17.44
N PRO A 123 29.08 -11.39 18.19
CA PRO A 123 29.13 -10.09 18.89
C PRO A 123 29.06 -8.89 17.93
N ASN A 124 29.59 -9.04 16.71
CA ASN A 124 29.54 -7.95 15.73
C ASN A 124 28.80 -8.35 14.45
N PRO A 125 27.47 -8.20 14.45
CA PRO A 125 26.60 -8.64 13.35
C PRO A 125 26.86 -7.90 12.04
N PRO A 126 26.67 -8.60 10.90
CA PRO A 126 27.01 -8.09 9.57
C PRO A 126 26.06 -6.99 9.12
N LYS A 127 26.60 -6.00 8.42
CA LYS A 127 25.80 -4.88 7.94
C LYS A 127 25.25 -5.15 6.54
N THR A 128 25.64 -6.26 5.92
CA THR A 128 25.18 -6.58 4.57
C THR A 128 24.78 -8.03 4.42
N TRP A 129 23.80 -8.27 3.55
CA TRP A 129 23.32 -9.61 3.25
C TRP A 129 24.43 -10.43 2.62
N GLU A 130 25.21 -9.75 1.78
CA GLU A 130 26.25 -10.40 0.98
C GLU A 130 27.29 -11.13 1.81
N GLU A 131 27.58 -10.61 3.01
CA GLU A 131 28.60 -11.26 3.82
C GLU A 131 28.06 -12.41 4.67
N ILE A 132 26.78 -12.71 4.52
CA ILE A 132 26.16 -13.80 5.25
C ILE A 132 26.65 -15.20 4.85
N PRO A 133 26.75 -15.47 3.53
CA PRO A 133 27.21 -16.78 3.06
C PRO A 133 28.56 -17.20 3.67
N ALA A 134 29.51 -16.25 3.69
CA ALA A 134 30.82 -16.51 4.29
C ALA A 134 30.69 -16.79 5.80
N LEU A 135 29.83 -16.04 6.47
CA LEU A 135 29.60 -16.20 7.89
C LEU A 135 28.95 -17.55 8.19
N ASP A 136 28.05 -18.00 7.34
CA ASP A 136 27.43 -19.31 7.52
C ASP A 136 28.47 -20.43 7.40
N LYS A 137 29.44 -20.21 6.54
CA LYS A 137 30.51 -21.18 6.32
C LYS A 137 31.31 -21.41 7.61
N GLU A 138 31.76 -20.33 8.24
CA GLU A 138 32.50 -20.43 9.51
C GLU A 138 31.69 -21.19 10.55
N LEU A 139 30.44 -20.79 10.70
CA LEU A 139 29.59 -21.27 11.78
C LEU A 139 29.20 -22.73 11.67
N LYS A 140 29.09 -23.23 10.44
CA LYS A 140 28.76 -24.64 10.22
C LYS A 140 29.91 -25.51 10.75
N ALA A 141 31.13 -24.98 10.57
CA ALA A 141 32.35 -25.60 11.08
C ALA A 141 32.36 -25.64 12.61
N LYS A 142 31.72 -24.65 13.22
CA LYS A 142 31.49 -24.63 14.67
C LYS A 142 30.17 -25.32 15.01
N GLY A 143 29.54 -25.92 14.00
CA GLY A 143 28.33 -26.70 14.19
C GLY A 143 27.04 -25.92 14.36
N LYS A 144 26.97 -24.76 13.71
CA LYS A 144 25.80 -23.89 13.86
C LYS A 144 25.43 -23.18 12.56
N SER A 145 24.48 -22.25 12.64
CA SER A 145 23.97 -21.54 11.47
C SER A 145 24.17 -20.04 11.57
N ALA A 146 24.32 -19.40 10.42
CA ALA A 146 24.34 -17.94 10.38
C ALA A 146 22.95 -17.33 10.57
N LEU A 147 21.99 -17.80 9.77
CA LEU A 147 20.69 -17.14 9.72
C LEU A 147 19.51 -18.09 9.53
N MET A 148 18.50 -17.93 10.37
CA MET A 148 17.26 -18.68 10.21
C MET A 148 16.05 -17.80 10.52
N PHE A 149 15.13 -17.75 9.55
CA PHE A 149 13.90 -16.98 9.66
C PHE A 149 12.84 -17.55 8.73
N ASN A 150 11.61 -17.11 8.92
CA ASN A 150 10.49 -17.71 8.21
C ASN A 150 10.47 -17.35 6.72
N LEU A 151 10.60 -18.36 5.87
CA LEU A 151 10.55 -18.13 4.43
C LEU A 151 9.16 -18.41 3.87
N GLN A 152 8.27 -18.89 4.74
CA GLN A 152 6.91 -19.25 4.33
C GLN A 152 5.99 -18.04 4.13
N GLU A 153 6.29 -16.95 4.82
CA GLU A 153 5.47 -15.73 4.74
C GLU A 153 6.20 -14.55 4.06
N PRO A 154 5.63 -14.06 2.95
CA PRO A 154 6.27 -12.95 2.22
C PRO A 154 6.55 -11.72 3.10
N TYR A 155 5.79 -11.53 4.18
CA TYR A 155 6.09 -10.51 5.17
C TYR A 155 7.58 -10.56 5.60
N PHE A 156 8.12 -11.76 5.79
CA PHE A 156 9.51 -11.89 6.23
C PHE A 156 10.54 -11.76 5.13
N THR A 157 10.16 -12.13 3.90
CA THR A 157 11.11 -12.10 2.78
C THR A 157 11.10 -10.76 2.05
N TRP A 158 10.07 -9.96 2.29
CA TRP A 158 9.86 -8.69 1.60
C TRP A 158 10.95 -7.64 1.82
N PRO A 159 11.51 -7.57 3.05
CA PRO A 159 12.53 -6.54 3.29
C PRO A 159 13.67 -6.64 2.29
N LEU A 160 14.10 -7.88 2.03
CA LEU A 160 15.20 -8.15 1.09
C LEU A 160 14.77 -7.92 -0.36
N ILE A 161 13.68 -8.58 -0.76
CA ILE A 161 13.13 -8.45 -2.10
C ILE A 161 12.84 -7.02 -2.55
N ALA A 162 12.34 -6.17 -1.64
CA ALA A 162 11.90 -4.83 -2.00
C ALA A 162 12.97 -3.78 -1.76
N ALA A 163 14.14 -4.23 -1.32
CA ALA A 163 15.21 -3.32 -0.91
C ALA A 163 15.55 -2.27 -1.97
N ASP A 164 15.58 -2.66 -3.25
CA ASP A 164 15.83 -1.68 -4.30
C ASP A 164 14.57 -1.40 -5.13
N GLY A 165 13.95 -0.27 -4.88
CA GLY A 165 12.80 0.19 -5.64
C GLY A 165 11.52 -0.65 -5.64
N GLY A 166 11.49 -1.75 -4.89
CA GLY A 166 10.29 -2.55 -4.76
C GLY A 166 9.22 -1.83 -3.95
N TYR A 167 7.95 -2.08 -4.27
CA TYR A 167 6.81 -1.60 -3.47
C TYR A 167 5.58 -2.45 -3.71
N ALA A 168 4.58 -2.35 -2.84
CA ALA A 168 3.33 -3.11 -3.01
C ALA A 168 2.42 -2.39 -3.99
N PHE A 169 1.88 -1.25 -3.56
CA PHE A 169 1.09 -0.38 -4.40
C PHE A 169 1.66 1.01 -4.18
N LYS A 170 1.70 1.80 -5.25
CA LYS A 170 2.27 3.14 -5.19
C LYS A 170 1.40 4.07 -4.34
N TYR A 171 2.04 4.81 -3.44
CA TYR A 171 1.34 5.78 -2.60
C TYR A 171 1.37 7.18 -3.22
N GLU A 172 0.19 7.79 -3.34
CA GLU A 172 0.06 9.23 -3.66
C GLU A 172 -0.94 9.90 -2.70
N ASN A 173 -0.42 10.72 -1.79
CA ASN A 173 -1.25 11.55 -0.91
C ASN A 173 -2.55 10.87 -0.39
N GLY A 174 -2.39 9.84 0.42
CA GLY A 174 -3.53 9.18 1.05
C GLY A 174 -4.21 8.19 0.10
N LYS A 175 -3.76 8.15 -1.15
CA LYS A 175 -4.32 7.25 -2.14
C LYS A 175 -3.28 6.25 -2.61
N TYR A 176 -3.69 4.99 -2.75
CA TYR A 176 -2.85 4.03 -3.42
C TYR A 176 -3.33 3.82 -4.86
N ASP A 177 -2.40 3.72 -5.80
CA ASP A 177 -2.79 3.44 -7.16
C ASP A 177 -2.78 1.93 -7.28
N ILE A 178 -3.98 1.34 -7.35
CA ILE A 178 -4.08 -0.11 -7.27
C ILE A 178 -3.61 -0.80 -8.53
N LYS A 179 -3.40 -0.02 -9.59
CA LYS A 179 -2.88 -0.57 -10.84
C LYS A 179 -1.36 -0.56 -10.84
N ASP A 180 -0.77 0.20 -9.92
CA ASP A 180 0.68 0.28 -9.90
C ASP A 180 1.28 -0.52 -8.73
N VAL A 181 1.83 -1.69 -9.05
CA VAL A 181 2.51 -2.51 -8.05
C VAL A 181 3.98 -2.61 -8.41
N GLY A 182 4.84 -2.60 -7.38
CA GLY A 182 6.29 -2.61 -7.55
C GLY A 182 6.95 -3.95 -7.27
N VAL A 183 6.24 -5.04 -7.41
CA VAL A 183 6.84 -6.31 -7.01
C VAL A 183 7.96 -6.75 -7.95
N ASP A 184 7.85 -6.42 -9.23
CA ASP A 184 8.86 -6.85 -10.19
C ASP A 184 9.84 -5.75 -10.66
N ASN A 185 11.13 -5.96 -10.41
CA ASN A 185 12.17 -5.04 -10.82
C ASN A 185 13.52 -5.70 -10.65
N ALA A 186 14.57 -4.99 -11.03
CA ALA A 186 15.91 -5.56 -10.93
C ALA A 186 16.21 -5.81 -9.45
N GLY A 187 15.78 -4.89 -8.60
CA GLY A 187 15.94 -5.06 -7.16
C GLY A 187 15.33 -6.37 -6.74
N ALA A 188 14.04 -6.56 -7.05
CA ALA A 188 13.29 -7.74 -6.66
C ALA A 188 13.88 -9.06 -7.19
N LYS A 189 14.33 -9.01 -8.45
CA LYS A 189 14.97 -10.16 -9.08
C LYS A 189 16.27 -10.52 -8.36
N ALA A 190 17.07 -9.49 -8.08
CA ALA A 190 18.32 -9.68 -7.36
C ALA A 190 18.09 -10.26 -5.95
N GLY A 191 17.20 -9.62 -5.19
CA GLY A 191 16.91 -10.01 -3.82
C GLY A 191 16.40 -11.43 -3.74
N LEU A 192 15.40 -11.74 -4.55
CA LEU A 192 14.82 -13.08 -4.54
C LEU A 192 15.83 -14.13 -5.06
N THR A 193 16.60 -13.75 -6.08
CA THR A 193 17.69 -14.60 -6.58
C THR A 193 18.67 -14.91 -5.43
N PHE A 194 18.93 -13.91 -4.61
CA PHE A 194 19.88 -14.06 -3.52
C PHE A 194 19.36 -15.06 -2.50
N LEU A 195 18.12 -14.85 -2.08
CA LEU A 195 17.46 -15.79 -1.19
C LEU A 195 17.55 -17.25 -1.73
N VAL A 196 17.12 -17.42 -2.99
CA VAL A 196 17.11 -18.73 -3.61
C VAL A 196 18.51 -19.33 -3.61
N ASP A 197 19.52 -18.52 -3.94
CA ASP A 197 20.91 -18.95 -3.86
C ASP A 197 21.30 -19.46 -2.44
N LEU A 198 20.98 -18.67 -1.42
CA LEU A 198 21.24 -19.06 -0.04
C LEU A 198 20.66 -20.43 0.25
N ILE A 199 19.51 -20.73 -0.36
CA ILE A 199 18.93 -22.08 -0.24
C ILE A 199 19.70 -23.18 -1.02
N LYS A 200 20.11 -22.85 -2.25
CA LYS A 200 20.90 -23.74 -3.09
C LYS A 200 22.27 -24.05 -2.49
N ASN A 201 22.86 -23.04 -1.86
CA ASN A 201 24.15 -23.21 -1.18
C ASN A 201 24.00 -23.78 0.23
N LYS A 202 22.75 -24.11 0.59
CA LYS A 202 22.43 -24.75 1.88
C LYS A 202 22.72 -23.85 3.10
N HIS A 203 22.75 -22.53 2.88
CA HIS A 203 22.80 -21.61 4.00
C HIS A 203 21.42 -21.52 4.67
N MET A 204 20.37 -21.89 3.94
CA MET A 204 19.02 -21.98 4.48
C MET A 204 18.27 -23.18 3.89
N ASN A 205 17.16 -23.55 4.52
CA ASN A 205 16.24 -24.57 3.99
C ASN A 205 14.97 -23.92 3.47
N ALA A 206 14.44 -24.41 2.36
CA ALA A 206 13.22 -23.85 1.79
C ALA A 206 12.02 -24.01 2.71
N ASP A 207 12.05 -25.05 3.54
CA ASP A 207 10.90 -25.39 4.39
C ASP A 207 10.91 -24.71 5.77
N THR A 208 11.94 -23.92 6.04
CA THR A 208 12.03 -23.19 7.31
C THR A 208 10.84 -22.23 7.48
N ASP A 209 10.23 -22.27 8.66
CA ASP A 209 9.06 -21.46 8.97
C ASP A 209 9.22 -20.79 10.34
N TYR A 210 8.16 -20.13 10.80
CA TYR A 210 8.24 -19.37 12.03
C TYR A 210 8.74 -20.19 13.22
N SER A 211 8.10 -21.33 13.47
CA SER A 211 8.41 -22.16 14.63
C SER A 211 9.82 -22.75 14.62
N ILE A 212 10.22 -23.25 13.45
CA ILE A 212 11.57 -23.76 13.30
C ILE A 212 12.64 -22.68 13.55
N ALA A 213 12.47 -21.49 12.97
CA ALA A 213 13.45 -20.42 13.16
C ALA A 213 13.43 -19.93 14.61
N GLU A 214 12.25 -19.81 15.19
CA GLU A 214 12.16 -19.36 16.58
C GLU A 214 12.87 -20.34 17.53
N ALA A 215 12.66 -21.63 17.31
CA ALA A 215 13.24 -22.62 18.19
C ALA A 215 14.75 -22.57 18.01
N ALA A 216 15.17 -22.60 16.74
CA ALA A 216 16.58 -22.68 16.41
C ALA A 216 17.32 -21.50 17.00
N PHE A 217 16.72 -20.31 16.95
CA PHE A 217 17.38 -19.15 17.53
C PHE A 217 17.36 -19.24 19.05
N ASN A 218 16.19 -19.48 19.63
CA ASN A 218 16.05 -19.50 21.08
C ASN A 218 16.82 -20.63 21.77
N LYS A 219 17.25 -21.63 20.99
CA LYS A 219 18.10 -22.71 21.51
C LYS A 219 19.58 -22.46 21.26
N GLY A 220 19.91 -21.32 20.66
CA GLY A 220 21.30 -20.96 20.39
C GLY A 220 21.95 -21.73 19.24
N GLU A 221 21.12 -22.29 18.35
CA GLU A 221 21.61 -23.04 17.19
C GLU A 221 22.04 -22.15 16.02
N THR A 222 21.36 -21.03 15.86
CA THR A 222 21.65 -20.09 14.77
C THR A 222 21.95 -18.69 15.30
N ALA A 223 22.82 -17.97 14.62
CA ALA A 223 23.37 -16.73 15.14
C ALA A 223 22.42 -15.53 14.94
N MET A 224 21.50 -15.67 13.99
CA MET A 224 20.64 -14.56 13.62
C MET A 224 19.26 -15.04 13.23
N THR A 225 18.29 -14.17 13.42
CA THR A 225 16.95 -14.41 12.96
C THR A 225 16.37 -13.07 12.55
N ILE A 226 15.24 -13.09 11.87
CA ILE A 226 14.54 -11.87 11.52
C ILE A 226 13.14 -11.92 12.14
N ASN A 227 12.85 -10.97 13.01
CA ASN A 227 11.55 -10.99 13.67
C ASN A 227 11.20 -9.65 14.29
N GLY A 228 9.98 -9.57 14.81
CA GLY A 228 9.48 -8.34 15.38
C GLY A 228 9.51 -8.37 16.90
N PRO A 229 9.06 -7.27 17.50
CA PRO A 229 9.00 -7.11 18.97
C PRO A 229 8.16 -8.19 19.69
N TRP A 230 7.10 -8.71 19.06
CA TRP A 230 6.29 -9.79 19.63
C TRP A 230 7.13 -11.03 19.96
N ALA A 231 8.28 -11.18 19.32
CA ALA A 231 9.10 -12.37 19.55
C ALA A 231 9.98 -12.20 20.77
N TRP A 232 10.16 -10.95 21.21
CA TRP A 232 11.20 -10.67 22.21
C TRP A 232 11.04 -11.48 23.50
N SER A 233 9.81 -11.56 23.99
CA SER A 233 9.61 -12.15 25.29
C SER A 233 10.00 -13.63 25.28
N ASN A 234 9.78 -14.31 24.15
CA ASN A 234 10.20 -15.70 24.11
C ASN A 234 11.72 -15.84 24.18
N ILE A 235 12.45 -14.83 23.73
CA ILE A 235 13.89 -14.87 23.81
C ILE A 235 14.34 -14.50 25.22
N ASP A 236 13.58 -13.62 25.87
CA ASP A 236 13.91 -13.28 27.23
C ASP A 236 13.93 -14.58 28.06
N THR A 237 12.88 -15.39 27.89
CA THR A 237 12.80 -16.71 28.50
C THR A 237 13.98 -17.60 28.13
N SER A 238 14.41 -17.55 26.87
CA SER A 238 15.41 -18.49 26.37
C SER A 238 16.79 -18.31 27.01
N LYS A 239 16.99 -17.20 27.72
CA LYS A 239 18.30 -16.89 28.28
C LYS A 239 19.40 -16.61 27.22
N VAL A 240 19.07 -16.79 25.94
CA VAL A 240 19.97 -16.41 24.86
C VAL A 240 20.30 -14.93 25.01
N ASN A 241 21.58 -14.57 24.89
CA ASN A 241 21.94 -13.17 25.06
C ASN A 241 21.92 -12.44 23.70
N TYR A 242 20.91 -11.60 23.52
CA TYR A 242 20.60 -11.15 22.17
C TYR A 242 20.60 -9.66 22.04
N GLY A 243 20.61 -9.21 20.78
CA GLY A 243 20.56 -7.80 20.46
C GLY A 243 19.69 -7.68 19.23
N VAL A 244 19.21 -6.46 19.02
CA VAL A 244 18.26 -6.16 17.96
C VAL A 244 18.84 -4.95 17.24
N THR A 245 18.91 -5.02 15.91
CA THR A 245 19.62 -4.00 15.17
C THR A 245 19.03 -3.77 13.76
N VAL A 246 19.58 -2.79 13.04
CA VAL A 246 19.17 -2.49 11.68
C VAL A 246 19.30 -3.72 10.83
N LEU A 247 18.34 -3.92 9.93
CA LEU A 247 18.46 -5.01 8.97
C LEU A 247 19.68 -4.79 8.07
N PRO A 248 20.26 -5.88 7.54
CA PRO A 248 21.43 -5.78 6.65
C PRO A 248 21.04 -5.12 5.33
N THR A 249 22.00 -4.42 4.70
CA THR A 249 21.76 -3.88 3.35
C THR A 249 21.94 -4.97 2.31
N PHE A 250 21.25 -4.80 1.19
CA PHE A 250 21.50 -5.57 -0.03
C PHE A 250 21.90 -4.58 -1.14
N LYS A 251 23.03 -4.85 -1.78
CA LYS A 251 23.59 -3.93 -2.77
C LYS A 251 23.58 -2.50 -2.25
N GLY A 252 24.00 -2.32 -1.00
CA GLY A 252 24.10 -0.99 -0.43
C GLY A 252 22.77 -0.31 -0.19
N GLN A 253 21.68 -1.01 -0.49
CA GLN A 253 20.33 -0.52 -0.20
C GLN A 253 19.85 -1.07 1.14
N PRO A 254 19.26 -0.20 1.98
CA PRO A 254 18.62 -0.66 3.23
C PRO A 254 17.53 -1.70 2.97
N SER A 255 17.37 -2.64 3.89
CA SER A 255 16.21 -3.53 3.82
C SER A 255 14.93 -2.70 3.99
N LYS A 256 13.84 -3.19 3.43
CA LYS A 256 12.63 -2.40 3.36
C LYS A 256 11.45 -3.14 3.99
N PRO A 257 11.50 -3.35 5.31
CA PRO A 257 10.44 -4.11 5.98
C PRO A 257 9.12 -3.35 5.91
N PHE A 258 8.00 -4.06 5.89
CA PHE A 258 6.69 -3.41 6.03
C PHE A 258 6.53 -2.79 7.42
N VAL A 259 5.78 -1.69 7.50
CA VAL A 259 5.60 -1.01 8.77
C VAL A 259 4.15 -1.04 9.20
N GLY A 260 3.87 -1.67 10.34
CA GLY A 260 2.52 -1.60 10.90
C GLY A 260 2.32 -0.52 11.94
N VAL A 261 1.17 0.14 11.88
CA VAL A 261 0.89 1.21 12.83
C VAL A 261 -0.37 0.92 13.60
N LEU A 262 -0.22 0.60 14.88
CA LEU A 262 -1.38 0.39 15.72
C LEU A 262 -2.05 1.74 15.76
N SER A 263 -3.35 1.76 15.51
CA SER A 263 -4.09 2.99 15.32
C SER A 263 -5.45 2.94 15.96
N ALA A 264 -6.00 4.12 16.28
CA ALA A 264 -7.30 4.20 16.97
C ALA A 264 -8.28 4.95 16.09
N GLY A 265 -9.30 4.25 15.60
CA GLY A 265 -10.33 4.88 14.81
C GLY A 265 -11.60 5.13 15.60
N ILE A 266 -12.37 6.09 15.10
CA ILE A 266 -13.62 6.48 15.72
C ILE A 266 -14.75 6.00 14.83
N ASN A 267 -15.73 5.36 15.45
CA ASN A 267 -16.84 4.76 14.75
C ASN A 267 -17.70 5.85 14.10
N ALA A 268 -17.89 5.77 12.79
CA ALA A 268 -18.76 6.71 12.12
C ALA A 268 -20.18 6.73 12.73
N ALA A 269 -20.58 5.65 13.40
CA ALA A 269 -21.91 5.60 14.01
C ALA A 269 -21.95 6.13 15.46
N SER A 270 -20.76 6.40 16.02
CA SER A 270 -20.66 6.88 17.39
C SER A 270 -21.28 8.28 17.51
N PRO A 271 -22.19 8.48 18.49
CA PRO A 271 -22.73 9.74 19.06
C PRO A 271 -21.72 10.48 19.95
N ASN A 272 -20.63 9.77 20.26
CA ASN A 272 -19.52 10.22 21.15
C ASN A 272 -18.23 10.73 20.54
N LYS A 273 -18.23 11.07 19.26
CA LYS A 273 -16.98 11.42 18.55
C LYS A 273 -16.13 12.49 19.22
N GLU A 274 -16.76 13.50 19.81
CA GLU A 274 -16.00 14.56 20.47
C GLU A 274 -15.33 14.07 21.76
N LEU A 275 -16.06 13.30 22.55
CA LEU A 275 -15.46 12.69 23.73
C LEU A 275 -14.33 11.75 23.33
N ALA A 276 -14.54 11.02 22.24
CA ALA A 276 -13.52 10.08 21.79
C ALA A 276 -12.25 10.88 21.45
N LYS A 277 -12.44 11.97 20.70
CA LYS A 277 -11.32 12.79 20.31
C LYS A 277 -10.60 13.28 21.57
N GLU A 278 -11.36 13.82 22.52
CA GLU A 278 -10.80 14.32 23.77
C GLU A 278 -9.98 13.27 24.50
N PHE A 279 -10.56 12.08 24.65
CA PHE A 279 -9.88 10.94 25.27
C PHE A 279 -8.57 10.55 24.57
N LEU A 280 -8.62 10.40 23.26
CA LEU A 280 -7.44 10.01 22.50
C LEU A 280 -6.33 11.05 22.53
N GLU A 281 -6.71 12.32 22.32
CA GLU A 281 -5.73 13.39 22.16
C GLU A 281 -5.12 13.83 23.50
N ASN A 282 -5.98 14.07 24.48
CA ASN A 282 -5.52 14.61 25.75
C ASN A 282 -5.20 13.60 26.85
N TYR A 283 -5.67 12.37 26.70
CA TYR A 283 -5.51 11.36 27.74
C TYR A 283 -4.58 10.23 27.32
N LEU A 284 -4.97 9.51 26.26
CA LEU A 284 -4.17 8.40 25.77
C LEU A 284 -2.84 8.84 25.16
N LEU A 285 -2.85 9.82 24.27
CA LEU A 285 -1.59 10.08 23.60
C LEU A 285 -0.90 11.21 24.35
N THR A 286 -0.10 10.79 25.33
CA THR A 286 0.62 11.62 26.25
C THR A 286 1.66 10.68 26.80
N ASP A 287 2.75 11.19 27.37
CA ASP A 287 3.70 10.31 28.05
C ASP A 287 2.98 9.40 29.06
N GLU A 288 2.00 9.97 29.75
CA GLU A 288 1.34 9.26 30.84
C GLU A 288 0.43 8.12 30.35
N GLY A 289 -0.41 8.41 29.35
CA GLY A 289 -1.32 7.42 28.78
C GLY A 289 -0.55 6.26 28.20
N LEU A 290 0.40 6.61 27.34
CA LEU A 290 1.22 5.58 26.72
C LEU A 290 1.97 4.79 27.76
N GLU A 291 2.43 5.45 28.81
CA GLU A 291 3.16 4.73 29.85
C GLU A 291 2.27 3.69 30.51
N ALA A 292 1.06 4.09 30.86
CA ALA A 292 0.11 3.17 31.48
C ALA A 292 -0.04 1.91 30.61
N VAL A 293 -0.39 2.13 29.34
CA VAL A 293 -0.58 0.99 28.43
C VAL A 293 0.69 0.16 28.27
N ASN A 294 1.81 0.83 28.09
CA ASN A 294 3.09 0.16 27.88
C ASN A 294 3.52 -0.72 29.06
N LYS A 295 3.25 -0.25 30.27
CA LYS A 295 3.64 -1.00 31.48
C LYS A 295 2.75 -2.22 31.63
N ASP A 296 1.49 -2.11 31.24
CA ASP A 296 0.65 -3.30 31.13
C ASP A 296 1.23 -4.29 30.09
N LYS A 297 1.22 -3.91 28.81
CA LYS A 297 1.91 -4.71 27.80
C LYS A 297 2.66 -3.77 26.86
N PRO A 298 3.89 -4.15 26.52
CA PRO A 298 4.74 -3.18 25.83
C PRO A 298 4.27 -2.86 24.41
N LEU A 299 4.28 -1.58 24.08
CA LEU A 299 3.86 -1.09 22.76
C LEU A 299 4.93 -1.28 21.67
N GLY A 300 6.19 -1.51 22.07
CA GLY A 300 7.30 -1.43 21.14
C GLY A 300 7.64 0.03 20.88
N ALA A 301 7.85 0.41 19.63
CA ALA A 301 8.03 1.83 19.32
C ALA A 301 6.66 2.49 19.24
N VAL A 302 6.60 3.80 19.47
CA VAL A 302 5.34 4.50 19.45
C VAL A 302 5.39 5.73 18.53
N ALA A 303 4.21 6.25 18.20
CA ALA A 303 4.10 7.33 17.26
C ALA A 303 4.29 8.70 17.94
N LEU A 304 4.25 8.72 19.27
CA LEU A 304 4.34 9.97 20.04
C LEU A 304 5.81 10.28 20.31
N LYS A 305 6.29 11.37 19.71
CA LYS A 305 7.71 11.70 19.71
C LYS A 305 8.32 11.76 21.10
N SER A 306 7.65 12.49 22.00
CA SER A 306 8.16 12.64 23.36
C SER A 306 8.38 11.29 24.04
N TYR A 307 7.36 10.44 24.00
CA TYR A 307 7.48 9.13 24.63
C TYR A 307 8.42 8.20 23.87
N GLU A 308 8.40 8.27 22.54
CA GLU A 308 9.34 7.45 21.77
C GLU A 308 10.79 7.78 22.15
N GLU A 309 11.06 9.07 22.40
CA GLU A 309 12.39 9.52 22.83
C GLU A 309 12.86 8.79 24.10
N GLU A 310 11.99 8.64 25.09
CA GLU A 310 12.26 7.84 26.26
C GLU A 310 12.50 6.37 25.90
N LEU A 311 11.55 5.77 25.19
CA LEU A 311 11.63 4.32 24.95
C LEU A 311 12.89 3.93 24.20
N ALA A 312 13.31 4.78 23.27
CA ALA A 312 14.42 4.47 22.38
C ALA A 312 15.77 4.44 23.11
N LYS A 313 15.76 4.79 24.40
CA LYS A 313 16.91 4.52 25.27
C LYS A 313 17.12 3.02 25.35
N ASP A 314 16.05 2.28 25.05
CA ASP A 314 16.15 0.84 24.82
C ASP A 314 16.57 0.61 23.36
N PRO A 315 17.80 0.10 23.16
CA PRO A 315 18.37 -0.05 21.81
C PRO A 315 17.52 -0.93 20.89
N ARG A 316 16.72 -1.85 21.44
CA ARG A 316 15.89 -2.66 20.55
C ARG A 316 14.67 -1.87 20.06
N ILE A 317 14.10 -1.06 20.93
CA ILE A 317 13.06 -0.17 20.46
C ILE A 317 13.63 0.80 19.44
N ALA A 318 14.83 1.32 19.71
CA ALA A 318 15.46 2.27 18.79
C ALA A 318 15.70 1.62 17.42
N ALA A 319 16.15 0.37 17.46
CA ALA A 319 16.37 -0.39 16.24
C ALA A 319 15.05 -0.58 15.49
N THR A 320 13.98 -0.89 16.21
CA THR A 320 12.67 -1.05 15.61
C THR A 320 12.25 0.22 14.87
N MET A 321 12.45 1.37 15.50
CA MET A 321 12.06 2.63 14.86
C MET A 321 12.93 2.91 13.63
N GLU A 322 14.20 2.53 13.73
CA GLU A 322 15.11 2.74 12.62
C GLU A 322 14.72 1.86 11.42
N ASN A 323 14.45 0.57 11.65
CA ASN A 323 13.94 -0.27 10.59
C ASN A 323 12.57 0.19 10.04
N ALA A 324 11.71 0.73 10.89
CA ALA A 324 10.46 1.33 10.43
C ALA A 324 10.72 2.50 9.46
N GLN A 325 11.61 3.41 9.86
CA GLN A 325 11.88 4.61 9.07
C GLN A 325 12.41 4.23 7.69
N LYS A 326 13.21 3.18 7.63
CA LYS A 326 13.75 2.73 6.36
C LYS A 326 12.77 1.85 5.59
N GLY A 327 11.60 1.63 6.17
CA GLY A 327 10.64 0.69 5.61
C GLY A 327 9.42 1.28 4.90
N GLU A 328 8.53 0.39 4.51
CA GLU A 328 7.37 0.77 3.72
C GLU A 328 6.11 0.60 4.55
N ILE A 329 5.41 1.70 4.79
CA ILE A 329 4.08 1.68 5.37
C ILE A 329 3.31 0.65 4.57
N MET A 330 2.71 -0.31 5.26
CA MET A 330 1.86 -1.29 4.60
C MET A 330 0.63 -0.57 4.05
N PRO A 331 0.31 -0.81 2.77
CA PRO A 331 -0.86 -0.14 2.20
C PRO A 331 -2.10 -0.51 2.99
N ASN A 332 -2.95 0.48 3.22
CA ASN A 332 -4.13 0.33 4.03
C ASN A 332 -5.39 -0.11 3.27
N ILE A 333 -5.21 -0.66 2.07
CA ILE A 333 -6.37 -1.03 1.25
C ILE A 333 -6.60 -2.55 1.06
N PRO A 334 -7.85 -2.94 0.77
CA PRO A 334 -8.18 -4.37 0.75
C PRO A 334 -7.50 -5.19 -0.38
N GLN A 335 -7.12 -4.54 -1.47
CA GLN A 335 -6.36 -5.18 -2.55
C GLN A 335 -5.04 -5.80 -2.09
N MET A 336 -4.54 -5.40 -0.92
CA MET A 336 -3.36 -6.07 -0.34
C MET A 336 -3.58 -7.57 -0.30
N SER A 337 -4.85 -7.96 -0.16
CA SER A 337 -5.21 -9.37 -0.12
C SER A 337 -4.71 -10.13 -1.35
N ALA A 338 -4.91 -9.56 -2.54
CA ALA A 338 -4.36 -10.20 -3.74
C ALA A 338 -2.83 -10.16 -3.68
N PHE A 339 -2.30 -8.98 -3.32
CA PHE A 339 -0.86 -8.85 -3.26
C PHE A 339 -0.24 -9.99 -2.43
N TRP A 340 -0.66 -10.14 -1.18
CA TRP A 340 -0.04 -11.17 -0.33
C TRP A 340 0.02 -12.48 -1.09
N TYR A 341 -1.13 -12.88 -1.64
CA TYR A 341 -1.25 -14.17 -2.28
C TYR A 341 -0.26 -14.26 -3.44
N ALA A 342 -0.34 -13.28 -4.34
CA ALA A 342 0.56 -13.24 -5.45
C ALA A 342 2.00 -13.45 -4.97
N VAL A 343 2.38 -12.72 -3.92
CA VAL A 343 3.78 -12.75 -3.51
C VAL A 343 4.11 -14.05 -2.80
N ARG A 344 3.18 -14.51 -1.97
CA ARG A 344 3.42 -15.72 -1.21
C ARG A 344 3.78 -16.83 -2.18
N THR A 345 2.88 -17.06 -3.14
CA THR A 345 3.04 -18.06 -4.17
C THR A 345 4.43 -17.90 -4.79
N ALA A 346 4.74 -16.70 -5.24
CA ALA A 346 5.95 -16.55 -6.01
C ALA A 346 7.12 -17.07 -5.17
N VAL A 347 7.18 -16.61 -3.91
CA VAL A 347 8.36 -16.90 -3.12
C VAL A 347 8.44 -18.39 -2.89
N ILE A 348 7.31 -18.99 -2.56
CA ILE A 348 7.31 -20.42 -2.27
C ILE A 348 7.66 -21.20 -3.54
N ASN A 349 7.26 -20.68 -4.69
CA ASN A 349 7.52 -21.38 -5.93
C ASN A 349 8.98 -21.20 -6.31
N ALA A 350 9.55 -20.07 -5.93
CA ALA A 350 10.95 -19.84 -6.27
C ALA A 350 11.85 -20.75 -5.42
N ALA A 351 11.64 -20.71 -4.10
CA ALA A 351 12.46 -21.48 -3.17
C ALA A 351 12.33 -22.98 -3.40
N SER A 352 11.17 -23.42 -3.90
CA SER A 352 10.98 -24.84 -4.20
C SER A 352 11.61 -25.18 -5.54
N GLY A 353 11.93 -24.15 -6.32
CA GLY A 353 12.47 -24.32 -7.66
C GLY A 353 11.39 -24.65 -8.68
N ARG A 354 10.15 -24.80 -8.22
CA ARG A 354 9.01 -25.03 -9.11
C ARG A 354 8.92 -23.98 -10.22
N GLN A 355 9.32 -22.75 -9.91
CA GLN A 355 9.43 -21.68 -10.90
C GLN A 355 10.77 -21.01 -10.75
N THR A 356 11.21 -20.35 -11.83
CA THR A 356 12.37 -19.48 -11.77
C THR A 356 12.01 -18.20 -11.03
N VAL A 357 13.02 -17.47 -10.57
CA VAL A 357 12.82 -16.19 -9.91
C VAL A 357 12.02 -15.23 -10.81
N ASP A 358 12.45 -15.11 -12.06
CA ASP A 358 11.86 -14.16 -12.98
C ASP A 358 10.39 -14.45 -13.31
N GLU A 359 10.07 -15.73 -13.49
CA GLU A 359 8.70 -16.14 -13.81
C GLU A 359 7.77 -15.98 -12.60
N ALA A 360 8.23 -16.40 -11.43
CA ALA A 360 7.44 -16.21 -10.22
C ALA A 360 7.16 -14.71 -10.06
N LEU A 361 8.21 -13.90 -10.11
CA LEU A 361 8.06 -12.45 -10.02
C LEU A 361 7.13 -11.85 -11.08
N ALA A 362 7.11 -12.41 -12.29
CA ALA A 362 6.38 -11.80 -13.39
C ALA A 362 4.88 -12.11 -13.28
N ALA A 363 4.60 -13.37 -12.95
CA ALA A 363 3.25 -13.78 -12.62
C ALA A 363 2.74 -12.90 -11.46
N ALA A 364 3.49 -12.88 -10.36
CA ALA A 364 3.09 -12.12 -9.19
C ALA A 364 2.84 -10.65 -9.55
N GLN A 365 3.75 -10.09 -10.34
CA GLN A 365 3.66 -8.70 -10.73
C GLN A 365 2.34 -8.47 -11.44
N THR A 366 1.86 -9.50 -12.15
CA THR A 366 0.54 -9.35 -12.77
C THR A 366 -0.63 -9.56 -11.81
N ASN A 367 -0.58 -10.64 -11.04
CA ASN A 367 -1.72 -11.03 -10.18
C ASN A 367 -1.99 -10.11 -9.00
N ALA A 368 -0.94 -9.44 -8.51
CA ALA A 368 -1.12 -8.57 -7.38
C ALA A 368 -2.08 -7.45 -7.78
N ALA A 369 -2.08 -7.10 -9.06
CA ALA A 369 -2.83 -5.94 -9.53
C ALA A 369 -4.20 -6.31 -10.08
N ALA A 370 -4.52 -7.59 -10.05
CA ALA A 370 -5.65 -8.12 -10.81
C ALA A 370 -7.03 -8.09 -10.13
N SER A 371 -7.14 -7.46 -8.96
CA SER A 371 -8.44 -7.37 -8.30
C SER A 371 -9.43 -6.64 -9.22
N PRO A 372 -10.64 -7.21 -9.38
CA PRO A 372 -11.66 -6.56 -10.23
C PRO A 372 -12.30 -5.35 -9.58
N THR A 373 -12.64 -4.35 -10.40
CA THR A 373 -13.30 -3.11 -9.96
C THR A 373 -14.76 -3.09 -10.36
N GLY A 374 -15.43 -1.97 -10.03
CA GLY A 374 -16.74 -1.68 -10.58
C GLY A 374 -16.65 -1.20 -12.02
N LEU A 375 -17.80 -0.80 -12.56
CA LEU A 375 -17.92 -0.41 -13.96
C LEU A 375 -16.92 0.62 -14.44
N ALA A 376 -16.77 1.73 -13.72
CA ALA A 376 -15.87 2.78 -14.18
C ALA A 376 -14.41 2.34 -14.38
N GLY A 377 -13.84 1.66 -13.37
CA GLY A 377 -12.50 1.13 -13.48
C GLY A 377 -12.40 0.04 -14.54
N SER A 378 -13.45 -0.76 -14.67
CA SER A 378 -13.44 -1.85 -15.63
C SER A 378 -13.42 -1.29 -17.04
N LEU A 379 -14.21 -0.25 -17.23
CA LEU A 379 -14.33 0.42 -18.50
C LEU A 379 -13.01 1.09 -18.89
N THR A 380 -12.42 1.88 -17.99
CA THR A 380 -11.14 2.50 -18.33
C THR A 380 -10.00 1.48 -18.54
N ASN A 381 -9.96 0.42 -17.72
CA ASN A 381 -8.98 -0.66 -17.96
C ASN A 381 -9.18 -1.24 -19.34
N ALA A 382 -10.43 -1.59 -19.64
CA ALA A 382 -10.79 -2.26 -20.89
C ALA A 382 -10.46 -1.40 -22.10
N LEU A 383 -10.75 -0.11 -22.01
CA LEU A 383 -10.43 0.82 -23.07
C LEU A 383 -8.92 0.95 -23.26
N SER A 384 -8.17 1.03 -22.16
CA SER A 384 -6.72 1.19 -22.30
C SER A 384 -6.15 -0.03 -22.98
N ASN A 385 -6.49 -1.20 -22.45
CA ASN A 385 -5.97 -2.44 -23.03
C ASN A 385 -6.38 -2.59 -24.48
N GLY A 386 -7.59 -2.14 -24.79
CA GLY A 386 -8.11 -2.21 -26.13
C GLY A 386 -7.27 -1.38 -27.07
N LEU A 387 -7.10 -0.11 -26.72
CA LEU A 387 -6.29 0.80 -27.54
C LEU A 387 -4.88 0.26 -27.73
N LEU A 388 -4.29 -0.23 -26.65
CA LEU A 388 -2.93 -0.77 -26.74
C LEU A 388 -2.83 -1.97 -27.69
N SER A 389 -3.68 -2.99 -27.50
CA SER A 389 -3.65 -4.14 -28.43
C SER A 389 -4.12 -3.74 -29.84
N GLY A 390 -5.00 -2.73 -29.93
CA GLY A 390 -5.39 -2.21 -31.22
C GLY A 390 -4.25 -1.48 -31.92
N GLY A 391 -3.08 -1.46 -31.26
CA GLY A 391 -1.89 -0.85 -31.84
C GLY A 391 -1.93 0.67 -31.91
N LEU A 392 -2.30 1.33 -30.81
CA LEU A 392 -2.36 2.80 -30.78
C LEU A 392 -0.97 3.40 -30.69
N LEU A 393 -0.08 2.69 -29.99
CA LEU A 393 1.29 3.15 -29.87
C LEU A 393 1.92 3.28 -31.24
N GLY A 394 1.77 2.25 -32.07
CA GLY A 394 2.21 2.30 -33.45
C GLY A 394 1.64 3.48 -34.22
N ILE A 395 0.34 3.72 -34.05
CA ILE A 395 -0.31 4.83 -34.73
C ILE A 395 0.35 6.15 -34.37
N LEU A 396 0.72 6.31 -33.10
CA LEU A 396 1.41 7.54 -32.68
C LEU A 396 2.83 7.61 -33.23
N GLU A 397 3.60 6.57 -32.99
CA GLU A 397 4.99 6.51 -33.44
C GLU A 397 5.09 6.81 -34.92
N ASN A 398 4.12 6.32 -35.69
CA ASN A 398 4.16 6.44 -37.15
C ASN A 398 3.44 7.65 -37.73
N LEU A 399 2.99 8.55 -36.86
CA LEU A 399 2.53 9.88 -37.29
C LEU A 399 3.64 10.56 -38.08
N PRO A 400 3.31 11.04 -39.30
CA PRO A 400 4.25 11.77 -40.16
C PRO A 400 4.58 13.20 -39.68
N LEU A 401 5.86 13.56 -39.71
CA LEU A 401 6.36 14.93 -39.58
C LEU A 401 5.36 15.97 -39.07
N ASP A 435 14.59 18.14 -39.52
CA ASP A 435 14.22 16.72 -39.54
C ASP A 435 13.76 16.21 -38.15
N ILE A 436 12.91 15.19 -38.13
CA ILE A 436 12.26 14.78 -36.88
C ILE A 436 12.19 13.26 -36.68
N LYS A 437 12.27 12.84 -35.41
CA LYS A 437 11.94 11.46 -35.06
C LYS A 437 10.96 11.46 -33.88
N VAL A 438 9.76 10.92 -34.11
CA VAL A 438 8.80 10.75 -33.02
C VAL A 438 9.16 9.50 -32.23
N THR A 439 9.07 9.59 -30.91
CA THR A 439 9.41 8.46 -30.04
C THR A 439 8.56 8.40 -28.77
N ASP A 440 8.80 7.37 -27.95
CA ASP A 440 8.11 7.16 -26.68
C ASP A 440 6.62 7.49 -26.66
N PRO A 441 5.85 6.86 -27.55
CA PRO A 441 4.40 7.06 -27.48
C PRO A 441 3.85 6.43 -26.18
N GLN A 442 2.98 7.14 -25.50
CA GLN A 442 2.36 6.60 -24.31
C GLN A 442 0.87 6.87 -24.28
N LEU A 443 0.14 5.90 -23.76
CA LEU A 443 -1.22 6.14 -23.36
C LEU A 443 -1.08 6.56 -21.91
N LEU A 444 -1.73 7.64 -21.52
CA LEU A 444 -1.71 8.03 -20.13
C LEU A 444 -3.00 7.56 -19.45
N GLU A 445 -3.18 7.89 -18.18
CA GLU A 445 -4.34 7.44 -17.43
C GLU A 445 -5.61 8.14 -17.92
N LEU A 446 -6.58 7.32 -18.32
CA LEU A 446 -7.85 7.82 -18.82
C LEU A 446 -8.70 8.46 -17.72
N GLY A 447 -9.38 9.55 -18.06
CA GLY A 447 -10.36 10.12 -17.17
C GLY A 447 -11.79 9.77 -17.57
N LEU A 448 -12.70 9.89 -16.61
CA LEU A 448 -14.10 9.57 -16.84
C LEU A 448 -15.00 10.53 -16.08
N VAL A 449 -16.06 10.99 -16.75
CA VAL A 449 -17.02 11.89 -16.13
C VAL A 449 -18.44 11.46 -16.47
N GLN A 450 -19.29 11.42 -15.45
CA GLN A 450 -20.69 11.05 -15.65
C GLN A 450 -21.59 12.29 -15.54
N SER A 451 -22.51 12.45 -16.50
CA SER A 451 -23.44 13.56 -16.45
C SER A 451 -24.14 13.59 -15.11
N PRO A 452 -24.44 14.81 -14.63
CA PRO A 452 -25.12 15.01 -13.35
C PRO A 452 -26.44 14.24 -13.25
N ASP A 453 -27.14 14.11 -14.38
CA ASP A 453 -28.38 13.35 -14.46
C ASP A 453 -28.10 11.85 -14.51
N GLY A 454 -26.84 11.49 -14.75
CA GLY A 454 -26.40 10.11 -14.81
C GLY A 454 -26.60 9.42 -16.15
N HIS A 455 -27.19 10.13 -17.11
CA HIS A 455 -27.52 9.50 -18.40
C HIS A 455 -26.40 9.56 -19.44
N ARG A 456 -25.37 10.36 -19.15
CA ARG A 456 -24.32 10.59 -20.13
C ARG A 456 -22.91 10.37 -19.57
N LEU A 457 -21.98 10.06 -20.46
CA LEU A 457 -20.63 9.63 -20.09
C LEU A 457 -19.55 10.22 -21.01
N TYR A 458 -18.47 10.71 -20.41
CA TYR A 458 -17.41 11.34 -21.20
C TYR A 458 -16.02 10.86 -20.81
N VAL A 459 -15.27 10.39 -21.81
CA VAL A 459 -13.93 9.85 -21.58
C VAL A 459 -12.84 10.81 -22.03
N THR A 460 -11.84 10.99 -21.18
CA THR A 460 -10.66 11.77 -21.57
C THR A 460 -9.50 10.82 -21.78
N ILE A 461 -8.91 10.87 -22.97
CA ILE A 461 -7.75 10.04 -23.26
C ILE A 461 -6.51 10.91 -23.45
N PRO A 462 -5.63 10.93 -22.44
CA PRO A 462 -4.37 11.66 -22.55
C PRO A 462 -3.37 10.86 -23.37
N LEU A 463 -2.63 11.54 -24.22
CA LEU A 463 -1.68 10.90 -25.11
C LEU A 463 -0.38 11.69 -25.08
N GLY A 464 0.73 10.99 -25.32
CA GLY A 464 2.02 11.65 -25.30
C GLY A 464 3.03 11.08 -26.27
N ILE A 465 4.00 11.91 -26.65
CA ILE A 465 5.08 11.52 -27.55
C ILE A 465 6.26 12.47 -27.36
N LYS A 466 7.45 12.01 -27.75
CA LYS A 466 8.65 12.84 -27.70
C LYS A 466 9.04 13.19 -29.14
N LEU A 467 9.48 14.41 -29.36
CA LEU A 467 9.99 14.83 -30.65
C LEU A 467 11.49 15.00 -30.58
N GLN A 468 12.20 14.41 -31.54
CA GLN A 468 13.61 14.68 -31.69
C GLN A 468 13.80 15.56 -32.90
N VAL A 469 14.14 16.82 -32.66
CA VAL A 469 14.45 17.78 -33.71
C VAL A 469 15.90 17.58 -34.17
N ASN A 470 16.60 16.72 -33.43
CA ASN A 470 17.89 16.19 -33.85
C ASN A 470 17.83 15.65 -35.29
N LEU A 478 19.10 16.42 -30.20
CA LEU A 478 19.15 17.89 -30.24
C LEU A 478 17.74 18.45 -30.29
N LEU A 479 17.37 19.22 -29.27
CA LEU A 479 16.02 19.77 -29.14
C LEU A 479 14.95 18.66 -29.07
N ARG A 480 14.91 17.96 -27.94
CA ARG A 480 13.88 16.97 -27.64
C ARG A 480 12.69 17.62 -26.93
N LEU A 481 11.49 17.26 -27.36
CA LEU A 481 10.26 17.78 -26.75
C LEU A 481 9.34 16.68 -26.24
N ALA A 482 8.55 17.01 -25.23
CA ALA A 482 7.48 16.13 -24.77
C ALA A 482 6.15 16.80 -25.05
N VAL A 483 5.37 16.16 -25.91
CA VAL A 483 4.05 16.62 -26.25
C VAL A 483 3.04 15.76 -25.52
N LYS A 484 2.05 16.42 -24.92
CA LYS A 484 0.91 15.71 -24.38
C LYS A 484 -0.39 16.44 -24.79
N LEU A 485 -1.43 15.66 -25.11
CA LEU A 485 -2.75 16.25 -25.39
C LEU A 485 -3.88 15.25 -25.16
N ASP A 486 -5.09 15.77 -24.96
CA ASP A 486 -6.25 14.94 -24.68
C ASP A 486 -7.18 14.83 -25.86
N ILE A 487 -7.75 13.65 -26.02
CA ILE A 487 -8.90 13.44 -26.89
C ILE A 487 -10.10 13.23 -25.98
N THR A 488 -11.16 14.00 -26.13
CA THR A 488 -12.34 13.67 -25.36
C THR A 488 -13.37 13.02 -26.26
N ALA A 489 -14.10 12.06 -25.72
CA ALA A 489 -15.12 11.35 -26.49
C ALA A 489 -16.36 11.10 -25.65
N GLU A 490 -17.51 11.17 -26.29
CA GLU A 490 -18.76 10.89 -25.61
C GLU A 490 -19.13 9.42 -25.80
N ILE A 491 -19.60 8.79 -24.73
CA ILE A 491 -20.13 7.45 -24.79
C ILE A 491 -21.63 7.51 -24.58
N LEU A 492 -22.37 6.93 -25.52
CA LEU A 492 -23.82 7.06 -25.53
C LEU A 492 -24.53 5.73 -25.52
N ALA A 493 -25.64 5.67 -24.80
CA ALA A 493 -26.54 4.54 -24.85
C ALA A 493 -27.62 4.88 -25.87
N VAL A 494 -27.77 4.03 -26.89
CA VAL A 494 -28.77 4.31 -27.92
C VAL A 494 -29.59 3.10 -28.32
N ARG A 495 -30.90 3.20 -28.16
CA ARG A 495 -31.81 2.20 -28.69
C ARG A 495 -31.98 2.46 -30.19
N ASP A 496 -31.88 1.40 -30.99
CA ASP A 496 -32.13 1.52 -32.42
C ASP A 496 -32.95 0.35 -32.97
N LYS A 497 -34.14 0.69 -33.48
CA LYS A 497 -35.01 -0.21 -34.26
C LYS A 497 -35.26 -1.65 -33.77
N GLN A 498 -35.89 -1.82 -32.61
CA GLN A 498 -36.19 -0.73 -31.70
C GLN A 498 -35.60 -1.12 -30.35
N GLU A 499 -36.10 -2.22 -29.80
CA GLU A 499 -35.63 -2.77 -28.52
C GLU A 499 -34.13 -3.03 -28.52
N ARG A 500 -33.52 -3.07 -29.69
CA ARG A 500 -32.07 -3.16 -29.77
C ARG A 500 -31.46 -1.93 -29.09
N ILE A 501 -30.59 -2.15 -28.11
CA ILE A 501 -29.92 -1.06 -27.40
C ILE A 501 -28.41 -1.26 -27.32
N HIS A 502 -27.66 -0.25 -27.75
CA HIS A 502 -26.22 -0.40 -27.90
C HIS A 502 -25.45 0.72 -27.20
N LEU A 503 -24.12 0.59 -27.25
CA LEU A 503 -23.23 1.59 -26.66
C LEU A 503 -22.29 2.12 -27.73
N VAL A 504 -22.40 3.40 -28.04
CA VAL A 504 -21.70 3.95 -29.20
C VAL A 504 -20.91 5.21 -28.89
N LEU A 505 -19.99 5.55 -29.78
CA LEU A 505 -19.15 6.72 -29.60
C LEU A 505 -19.84 8.00 -30.07
N GLY A 506 -19.84 9.01 -29.20
CA GLY A 506 -20.36 10.33 -29.55
C GLY A 506 -19.25 11.09 -30.24
N ASP A 507 -19.21 12.42 -30.10
CA ASP A 507 -18.21 13.21 -30.80
C ASP A 507 -16.81 12.97 -30.25
N CYS A 508 -15.92 12.48 -31.10
CA CYS A 508 -14.55 12.17 -30.71
C CYS A 508 -13.62 13.26 -31.25
N THR A 509 -13.13 14.12 -30.37
CA THR A 509 -12.33 15.28 -30.79
C THR A 509 -11.22 15.64 -29.82
N HIS A 510 -10.23 16.40 -30.29
CA HIS A 510 -9.16 16.89 -29.44
C HIS A 510 -9.77 17.79 -28.38
N SER A 511 -9.15 17.84 -27.20
CA SER A 511 -9.58 18.77 -26.17
C SER A 511 -8.86 20.09 -26.43
N PRO A 512 -9.63 21.20 -26.51
CA PRO A 512 -9.09 22.47 -27.01
C PRO A 512 -7.90 23.03 -26.21
N GLY A 513 -8.00 23.09 -24.88
CA GLY A 513 -6.91 23.64 -24.10
C GLY A 513 -5.79 22.64 -23.86
N SER A 514 -6.08 21.39 -24.14
CA SER A 514 -5.25 20.26 -23.70
C SER A 514 -3.78 20.23 -24.16
N LEU A 515 -3.48 20.67 -25.36
CA LEU A 515 -2.12 20.53 -25.88
C LEU A 515 -1.09 21.28 -25.02
N GLN A 516 -0.05 20.55 -24.58
CA GLN A 516 1.00 21.09 -23.73
C GLN A 516 2.34 20.59 -24.28
N ILE A 517 3.28 21.50 -24.52
CA ILE A 517 4.60 21.10 -24.99
C ILE A 517 5.63 21.44 -23.92
N SER A 518 6.62 20.57 -23.80
CA SER A 518 7.56 20.67 -22.69
C SER A 518 8.97 20.40 -23.16
N LEU A 519 9.87 21.32 -22.86
CA LEU A 519 11.29 21.11 -23.18
C LEU A 519 11.82 19.93 -22.38
N LEU A 520 12.74 19.19 -22.98
CA LEU A 520 13.48 18.16 -22.27
C LEU A 520 14.97 18.52 -22.34
N ASP A 521 15.82 17.73 -21.68
CA ASP A 521 17.22 18.11 -21.48
C ASP A 521 18.07 17.99 -22.74
N LEU A 531 12.65 26.25 -32.06
CA LEU A 531 12.32 26.85 -30.78
C LEU A 531 10.82 26.88 -30.52
N LEU A 532 10.42 27.41 -29.37
CA LEU A 532 9.02 27.67 -29.07
C LEU A 532 8.93 29.05 -28.38
N ASP A 533 7.82 29.77 -28.56
CA ASP A 533 6.52 29.23 -28.95
C ASP A 533 6.34 28.93 -30.44
N SER A 534 7.40 29.08 -31.23
CA SER A 534 7.36 28.68 -32.64
C SER A 534 6.74 27.29 -32.82
N LEU A 535 7.49 26.26 -32.42
CA LEU A 535 7.05 24.87 -32.56
C LEU A 535 5.64 24.67 -32.04
N THR A 536 5.41 25.06 -30.79
CA THR A 536 4.10 24.87 -30.21
C THR A 536 3.05 25.63 -31.03
N GLY A 537 3.39 26.86 -31.41
CA GLY A 537 2.50 27.69 -32.22
C GLY A 537 2.02 26.96 -33.46
N ILE A 538 2.93 26.23 -34.11
CA ILE A 538 2.62 25.35 -35.24
C ILE A 538 1.74 24.15 -34.85
N LEU A 539 2.21 23.43 -33.83
CA LEU A 539 1.58 22.19 -33.39
C LEU A 539 0.14 22.40 -32.93
N ASN A 540 -0.17 23.61 -32.45
CA ASN A 540 -1.53 23.90 -32.03
C ASN A 540 -2.51 23.77 -33.18
N LYS A 541 -2.13 24.27 -34.35
CA LYS A 541 -3.01 24.24 -35.52
C LYS A 541 -2.81 23.02 -36.43
N VAL A 542 -1.74 22.25 -36.21
CA VAL A 542 -1.60 20.99 -36.95
C VAL A 542 -2.00 19.75 -36.11
N LEU A 543 -1.25 19.51 -35.03
CA LEU A 543 -1.33 18.28 -34.22
C LEU A 543 -2.72 17.76 -33.82
N PRO A 544 -3.52 18.60 -33.14
CA PRO A 544 -4.75 18.04 -32.58
C PRO A 544 -5.61 17.34 -33.63
N GLU A 545 -5.70 17.91 -34.83
CA GLU A 545 -6.53 17.33 -35.89
C GLU A 545 -5.88 16.05 -36.45
N LEU A 546 -4.55 16.06 -36.58
CA LEU A 546 -3.84 14.91 -37.12
C LEU A 546 -3.87 13.71 -36.14
N VAL A 547 -3.86 14.00 -34.85
CA VAL A 547 -3.95 12.95 -33.85
C VAL A 547 -5.37 12.43 -33.77
N GLN A 548 -6.33 13.34 -33.60
CA GLN A 548 -7.71 12.95 -33.38
C GLN A 548 -8.27 12.11 -34.56
N GLY A 549 -7.74 12.33 -35.75
CA GLY A 549 -8.21 11.62 -36.93
C GLY A 549 -7.68 10.20 -37.07
N ASN A 550 -6.49 9.95 -36.51
CA ASN A 550 -5.87 8.62 -36.55
C ASN A 550 -6.26 7.78 -35.34
N VAL A 551 -7.11 8.34 -34.49
CA VAL A 551 -7.36 7.79 -33.17
C VAL A 551 -8.83 7.48 -32.96
N CYS A 552 -9.66 8.49 -33.10
CA CYS A 552 -11.10 8.31 -32.87
C CYS A 552 -11.69 7.03 -33.49
N PRO A 553 -11.32 6.70 -34.73
CA PRO A 553 -11.71 5.40 -35.28
C PRO A 553 -11.27 4.22 -34.42
N LEU A 554 -10.02 4.23 -33.95
CA LEU A 554 -9.55 3.15 -33.07
C LEU A 554 -10.37 3.12 -31.79
N VAL A 555 -10.66 4.30 -31.24
CA VAL A 555 -11.45 4.41 -30.02
C VAL A 555 -12.78 3.71 -30.29
N ASN A 556 -13.31 3.99 -31.47
CA ASN A 556 -14.59 3.44 -31.92
C ASN A 556 -14.60 1.93 -32.00
N GLU A 557 -13.52 1.36 -32.53
CA GLU A 557 -13.40 -0.10 -32.56
C GLU A 557 -13.27 -0.68 -31.14
N VAL A 558 -12.49 0.01 -30.31
CA VAL A 558 -12.20 -0.49 -28.98
C VAL A 558 -13.49 -0.58 -28.18
N LEU A 559 -14.32 0.45 -28.28
CA LEU A 559 -15.61 0.46 -27.60
C LEU A 559 -16.40 -0.82 -27.89
N ARG A 560 -16.36 -1.25 -29.14
CA ARG A 560 -17.12 -2.41 -29.58
C ARG A 560 -16.45 -3.71 -29.10
N GLY A 561 -15.13 -3.67 -28.92
CA GLY A 561 -14.43 -4.87 -28.46
C GLY A 561 -14.56 -5.24 -26.98
N LEU A 562 -15.42 -4.52 -26.24
CA LEU A 562 -15.56 -4.73 -24.79
C LEU A 562 -16.35 -5.96 -24.42
N ASP A 563 -16.09 -6.47 -23.21
CA ASP A 563 -16.90 -7.54 -22.62
C ASP A 563 -18.39 -7.16 -22.65
N ILE A 564 -19.22 -8.04 -23.18
CA ILE A 564 -20.61 -7.71 -23.46
C ILE A 564 -21.45 -7.46 -22.20
N THR A 565 -21.17 -8.18 -21.11
CA THR A 565 -21.87 -7.92 -19.84
C THR A 565 -21.49 -6.56 -19.23
N LEU A 566 -20.21 -6.18 -19.33
CA LEU A 566 -19.79 -4.85 -18.91
C LEU A 566 -20.60 -3.80 -19.66
N VAL A 567 -20.73 -4.01 -20.97
CA VAL A 567 -21.49 -3.10 -21.82
C VAL A 567 -22.95 -3.02 -21.36
N HIS A 568 -23.59 -4.18 -21.17
CA HIS A 568 -25.01 -4.20 -20.75
C HIS A 568 -25.23 -3.52 -19.41
N ASP A 569 -24.33 -3.74 -18.46
CA ASP A 569 -24.46 -3.16 -17.11
C ASP A 569 -24.25 -1.64 -17.13
N ILE A 570 -23.26 -1.20 -17.91
CA ILE A 570 -23.03 0.22 -18.08
C ILE A 570 -24.25 0.90 -18.71
N VAL A 571 -24.76 0.28 -19.78
CA VAL A 571 -25.90 0.81 -20.50
C VAL A 571 -27.08 0.91 -19.54
N ASN A 572 -27.29 -0.17 -18.81
CA ASN A 572 -28.37 -0.27 -17.85
C ASN A 572 -28.32 0.84 -16.80
N MET A 573 -27.12 1.21 -16.36
CA MET A 573 -27.01 2.29 -15.38
C MET A 573 -27.17 3.70 -15.99
N LEU A 574 -26.69 3.86 -17.23
CA LEU A 574 -26.84 5.13 -17.93
C LEU A 574 -28.32 5.42 -18.20
N ILE A 575 -29.07 4.39 -18.60
CA ILE A 575 -30.50 4.53 -18.86
C ILE A 575 -31.26 5.06 -17.65
N HIS A 576 -31.02 4.46 -16.49
CA HIS A 576 -31.75 4.82 -15.28
C HIS A 576 -31.03 5.93 -14.53
N GLY A 577 -29.97 6.45 -15.14
CA GLY A 577 -29.26 7.59 -14.60
C GLY A 577 -28.70 7.41 -13.20
N LEU A 578 -28.09 6.27 -12.96
CA LEU A 578 -27.43 6.00 -11.69
C LEU A 578 -25.92 6.25 -11.80
N GLN A 579 -25.31 6.79 -10.75
CA GLN A 579 -23.90 7.15 -10.80
C GLN A 579 -23.03 5.99 -10.35
N PHE A 580 -22.23 5.46 -11.26
CA PHE A 580 -21.17 4.53 -10.91
C PHE A 580 -19.78 5.18 -10.95
N VAL A 581 -19.71 6.43 -11.39
CA VAL A 581 -18.42 7.11 -11.59
C VAL A 581 -18.05 8.00 -10.42
N ILE A 582 -16.79 7.92 -10.01
CA ILE A 582 -16.33 8.65 -8.84
C ILE A 582 -15.84 10.05 -9.20
N LYS A 583 -16.38 11.05 -8.51
CA LYS A 583 -15.86 12.42 -8.57
C LYS A 583 -14.43 12.38 -8.04
N VAL A 584 -13.53 13.08 -8.73
CA VAL A 584 -12.11 12.91 -8.50
C VAL A 584 -11.53 13.94 -7.53
#